data_4GZM
#
_entry.id   4GZM
#
_cell.length_a   40.094
_cell.length_b   98.807
_cell.length_c   51.994
_cell.angle_alpha   90.00
_cell.angle_beta   90.21
_cell.angle_gamma   90.00
#
_symmetry.space_group_name_H-M   'P 1 21 1'
#
loop_
_entity.id
_entity.type
_entity.pdbx_description
1 polymer 'Ras-related C3 botulinum toxin substrate 1'
2 non-polymer "5'-GUANOSINE-DIPHOSPHATE-MONOTHIOPHOSPHATE"
3 non-polymer 'MAGNESIUM ION'
#
_entity_poly.entity_id   1
_entity_poly.type   'polypeptide(L)'
_entity_poly.pdbx_seq_one_letter_code
;MGSSHHHHHHSSGLVPRGSHMENLYFQGQAIKCVVVGDGAVGKTCLLISYTTNALPGEYIPTVFDNYSANVMVDGKPVNL
GLWDTAGQEDYDRLRPLSYPQTDVFLICFSLVSPASFENVRAKWYPEVRHHCPNTPIILVGTKLDLRDDKDTIEKLKEKK
LTPITYPQGLAMAKEIGAVKYLECSALTQRGLKTVFDEAIRAVL
;
_entity_poly.pdbx_strand_id   A,B
#
# COMPACT_ATOMS: atom_id res chain seq x y z
N ILE A 31 16.39 16.59 -12.91
CA ILE A 31 15.36 15.79 -12.19
C ILE A 31 15.99 14.63 -11.40
N LYS A 32 15.47 14.39 -10.19
CA LYS A 32 15.96 13.32 -9.32
C LYS A 32 15.03 12.11 -9.35
N CYS A 33 15.62 10.94 -9.58
CA CYS A 33 14.89 9.69 -9.63
C CYS A 33 15.58 8.63 -8.79
N VAL A 34 14.87 8.12 -7.79
CA VAL A 34 15.43 7.09 -6.93
C VAL A 34 14.81 5.73 -7.24
N VAL A 35 15.67 4.74 -7.42
CA VAL A 35 15.26 3.39 -7.78
C VAL A 35 15.35 2.48 -6.55
N VAL A 36 14.20 1.94 -6.14
CA VAL A 36 14.08 1.20 -4.90
C VAL A 36 13.37 -0.14 -5.13
N GLY A 37 13.92 -1.21 -4.56
CA GLY A 37 13.32 -2.55 -4.65
C GLY A 37 14.16 -3.60 -3.97
N ASP A 38 13.62 -4.83 -3.90
CA ASP A 38 14.30 -5.96 -3.26
C ASP A 38 15.66 -6.31 -3.87
N GLY A 39 16.53 -6.93 -3.07
CA GLY A 39 17.83 -7.40 -3.54
C GLY A 39 17.73 -8.35 -4.72
N ALA A 40 18.49 -8.04 -5.77
CA ALA A 40 18.62 -8.87 -6.99
C ALA A 40 17.34 -8.97 -7.84
N VAL A 41 16.64 -7.85 -8.01
CA VAL A 41 15.47 -7.80 -8.89
C VAL A 41 15.82 -7.29 -10.29
N GLY A 42 16.88 -6.50 -10.39
CA GLY A 42 17.34 -5.96 -11.68
C GLY A 42 17.35 -4.44 -11.78
N LYS A 43 17.58 -3.78 -10.65
CA LYS A 43 17.61 -2.32 -10.58
C LYS A 43 18.81 -1.76 -11.34
N THR A 44 20.00 -2.26 -11.01
CA THR A 44 21.24 -1.84 -11.64
C THR A 44 21.13 -2.04 -13.16
N CYS A 45 20.92 -3.29 -13.56
CA CYS A 45 20.77 -3.65 -14.97
C CYS A 45 19.84 -2.71 -15.73
N LEU A 46 18.75 -2.31 -15.09
CA LEU A 46 17.73 -1.46 -15.70
C LEU A 46 18.24 -0.06 -16.05
N LEU A 47 19.28 0.39 -15.33
CA LEU A 47 19.85 1.72 -15.54
C LEU A 47 21.03 1.67 -16.50
N ILE A 48 21.83 0.59 -16.41
CA ILE A 48 23.00 0.40 -17.28
C ILE A 48 22.59 0.10 -18.72
N SER A 49 21.59 -0.77 -18.88
CA SER A 49 21.03 -1.05 -20.19
C SER A 49 20.34 0.16 -20.81
N TYR A 50 19.76 1.02 -19.97
CA TYR A 50 19.10 2.22 -20.46
C TYR A 50 20.10 3.30 -20.88
N THR A 51 21.21 3.40 -20.16
CA THR A 51 22.20 4.44 -20.44
C THR A 51 23.25 4.02 -21.48
N THR A 52 23.76 2.80 -21.35
CA THR A 52 24.91 2.35 -22.14
C THR A 52 24.55 1.33 -23.22
N ASN A 53 23.36 0.73 -23.11
CA ASN A 53 22.88 -0.31 -24.05
C ASN A 53 23.52 -1.69 -23.88
N ALA A 54 24.24 -1.89 -22.78
CA ALA A 54 24.90 -3.17 -22.50
C ALA A 54 24.53 -3.74 -21.14
N LEU A 55 24.06 -4.98 -21.12
CA LEU A 55 23.74 -5.66 -19.88
C LEU A 55 25.02 -6.30 -19.30
N PRO A 56 25.33 -6.00 -18.03
CA PRO A 56 26.46 -6.63 -17.34
C PRO A 56 26.33 -8.16 -17.29
N GLY A 57 27.41 -8.85 -17.63
CA GLY A 57 27.43 -10.31 -17.67
C GLY A 57 27.53 -10.98 -16.31
N GLU A 58 27.98 -10.21 -15.31
CA GLU A 58 28.17 -10.73 -13.95
C GLU A 58 27.40 -9.89 -12.93
N TYR A 59 27.08 -10.53 -11.79
CA TYR A 59 26.30 -9.90 -10.73
C TYR A 59 27.17 -9.35 -9.59
N ILE A 60 27.14 -8.03 -9.42
CA ILE A 60 27.82 -7.35 -8.32
C ILE A 60 26.81 -6.48 -7.58
N PRO A 61 26.60 -6.76 -6.27
CA PRO A 61 25.60 -6.02 -5.48
C PRO A 61 25.94 -4.54 -5.32
N THR A 62 24.93 -3.68 -5.47
CA THR A 62 25.10 -2.23 -5.39
C THR A 62 25.14 -1.76 -3.95
N VAL A 63 26.19 -1.01 -3.61
CA VAL A 63 26.29 -0.30 -2.33
C VAL A 63 25.53 1.02 -2.50
N PHE A 64 25.91 1.75 -3.55
CA PHE A 64 25.25 2.97 -4.00
C PHE A 64 25.98 3.48 -5.22
N ASP A 65 25.24 4.01 -6.18
CA ASP A 65 25.81 4.62 -7.37
C ASP A 65 25.02 5.86 -7.80
N ASN A 66 25.43 6.46 -8.91
CA ASN A 66 24.80 7.66 -9.40
C ASN A 66 25.04 7.87 -10.89
N TYR A 67 24.09 7.42 -11.71
CA TYR A 67 24.20 7.61 -13.16
C TYR A 67 23.34 8.78 -13.61
N SER A 68 23.55 9.20 -14.86
CA SER A 68 22.73 10.26 -15.45
C SER A 68 22.55 10.04 -16.96
N ALA A 69 21.54 10.69 -17.53
CA ALA A 69 21.23 10.58 -18.94
C ALA A 69 20.47 11.81 -19.42
N ASN A 70 20.89 12.33 -20.57
CA ASN A 70 20.22 13.48 -21.18
C ASN A 70 19.25 13.01 -22.24
N VAL A 71 17.95 13.07 -21.92
CA VAL A 71 16.91 12.65 -22.85
C VAL A 71 16.11 13.86 -23.31
N MET A 72 15.47 13.73 -24.47
CA MET A 72 14.66 14.79 -25.02
C MET A 72 13.23 14.29 -25.25
N VAL A 73 12.35 14.58 -24.30
CA VAL A 73 10.95 14.16 -24.35
C VAL A 73 10.05 15.38 -24.10
N ASP A 74 8.81 15.31 -24.60
CA ASP A 74 7.84 16.43 -24.52
C ASP A 74 8.32 17.68 -25.26
N GLY A 75 9.30 17.50 -26.14
CA GLY A 75 9.97 18.61 -26.80
C GLY A 75 10.77 19.45 -25.82
N LYS A 76 11.22 18.81 -24.74
CA LYS A 76 11.96 19.48 -23.68
C LYS A 76 13.32 18.85 -23.45
N PRO A 77 14.36 19.69 -23.32
CA PRO A 77 15.67 19.19 -22.87
C PRO A 77 15.56 18.74 -21.42
N VAL A 78 15.93 17.48 -21.16
CA VAL A 78 15.77 16.91 -19.84
C VAL A 78 17.05 16.24 -19.35
N ASN A 79 17.57 16.76 -18.24
CA ASN A 79 18.69 16.15 -17.54
C ASN A 79 18.17 15.33 -16.37
N LEU A 80 18.45 14.03 -16.40
CA LEU A 80 17.90 13.10 -15.43
C LEU A 80 19.02 12.42 -14.62
N GLY A 81 18.91 12.53 -13.29
CA GLY A 81 19.86 11.89 -12.38
C GLY A 81 19.24 10.66 -11.76
N LEU A 82 19.89 9.51 -11.95
CA LEU A 82 19.34 8.23 -11.50
C LEU A 82 20.16 7.64 -10.35
N TRP A 83 19.48 7.36 -9.24
CA TRP A 83 20.13 6.94 -8.01
C TRP A 83 19.89 5.49 -7.67
N ASP A 84 20.81 4.63 -8.10
CA ASP A 84 20.77 3.20 -7.77
C ASP A 84 21.03 3.05 -6.28
N THR A 85 20.24 2.21 -5.62
CA THR A 85 20.37 1.97 -4.18
C THR A 85 20.71 0.51 -3.86
N ALA A 86 20.66 0.16 -2.58
CA ALA A 86 20.92 -1.20 -2.12
C ALA A 86 19.62 -1.95 -1.82
N GLY A 87 19.67 -3.28 -1.93
CA GLY A 87 18.48 -4.11 -1.75
C GLY A 87 18.37 -4.79 -0.40
N GLN A 88 19.49 -4.96 0.28
CA GLN A 88 19.56 -5.70 1.53
C GLN A 88 19.00 -4.94 2.72
N GLU A 89 18.60 -5.69 3.75
CA GLU A 89 18.20 -5.11 5.04
C GLU A 89 19.41 -4.58 5.82
N ASP A 90 20.60 -4.84 5.30
CA ASP A 90 21.84 -4.31 5.88
C ASP A 90 21.90 -2.79 5.82
N TYR A 91 21.38 -2.23 4.74
CA TYR A 91 21.51 -0.80 4.47
C TYR A 91 20.23 -0.05 4.86
N ASP A 92 19.45 -0.66 5.75
CA ASP A 92 18.14 -0.15 6.15
C ASP A 92 18.15 1.31 6.56
N ARG A 93 19.05 1.70 7.47
CA ARG A 93 19.06 3.05 8.01
C ARG A 93 20.07 3.97 7.33
N LEU A 94 20.64 3.50 6.22
CA LEU A 94 21.52 4.33 5.39
C LEU A 94 20.91 4.64 4.03
N ARG A 95 19.90 3.87 3.65
CA ARG A 95 19.19 4.08 2.40
C ARG A 95 18.36 5.37 2.37
N PRO A 96 17.56 5.63 3.43
CA PRO A 96 16.66 6.78 3.39
C PRO A 96 17.36 8.12 3.19
N LEU A 97 18.68 8.13 3.34
CA LEU A 97 19.48 9.34 3.16
C LEU A 97 19.29 9.95 1.76
N SER A 98 19.02 9.10 0.78
CA SER A 98 18.90 9.52 -0.61
C SER A 98 17.58 10.25 -0.91
N TYR A 99 16.58 10.05 -0.05
CA TYR A 99 15.20 10.42 -0.36
C TYR A 99 14.86 11.92 -0.40
N PRO A 100 15.54 12.75 0.41
CA PRO A 100 15.18 14.17 0.35
C PRO A 100 15.44 14.77 -1.03
N GLN A 101 14.63 15.76 -1.39
CA GLN A 101 14.74 16.51 -2.66
C GLN A 101 14.46 15.69 -3.91
N THR A 102 13.72 14.59 -3.75
CA THR A 102 13.39 13.70 -4.88
C THR A 102 12.14 14.17 -5.63
N ASP A 103 12.13 13.95 -6.94
CA ASP A 103 11.00 14.32 -7.79
C ASP A 103 10.08 13.13 -8.13
N VAL A 104 10.67 11.93 -8.22
CA VAL A 104 9.93 10.71 -8.57
C VAL A 104 10.65 9.43 -8.14
N PHE A 105 9.88 8.42 -7.78
CA PHE A 105 10.42 7.14 -7.32
C PHE A 105 10.05 6.02 -8.27
N LEU A 106 10.97 5.07 -8.44
CA LEU A 106 10.66 3.80 -9.08
C LEU A 106 10.70 2.72 -8.01
N ILE A 107 9.61 1.96 -7.89
CA ILE A 107 9.63 0.75 -7.07
C ILE A 107 9.68 -0.46 -7.99
N CYS A 108 10.70 -1.28 -7.81
CA CYS A 108 10.96 -2.42 -8.70
C CYS A 108 10.83 -3.76 -8.00
N PHE A 109 10.41 -4.77 -8.77
CA PHE A 109 10.32 -6.14 -8.33
C PHE A 109 10.40 -7.05 -9.55
N SER A 110 10.98 -8.24 -9.37
CA SER A 110 11.01 -9.26 -10.41
C SER A 110 9.61 -9.81 -10.63
N LEU A 111 9.20 -9.91 -11.88
CA LEU A 111 7.91 -10.49 -12.26
C LEU A 111 7.96 -12.00 -12.08
N VAL A 112 9.17 -12.50 -11.84
CA VAL A 112 9.42 -13.90 -11.56
C VAL A 112 9.48 -14.14 -10.05
N SER A 113 10.01 -13.17 -9.30
CA SER A 113 10.08 -13.27 -7.83
C SER A 113 8.84 -12.65 -7.14
N PRO A 114 7.95 -13.50 -6.60
CA PRO A 114 6.71 -13.04 -5.96
C PRO A 114 6.92 -12.45 -4.57
N ALA A 115 8.02 -12.83 -3.92
CA ALA A 115 8.42 -12.25 -2.64
C ALA A 115 8.65 -10.74 -2.80
N SER A 116 9.40 -10.37 -3.84
CA SER A 116 9.70 -8.98 -4.16
C SER A 116 8.44 -8.20 -4.51
N PHE A 117 7.47 -8.90 -5.08
CA PHE A 117 6.15 -8.35 -5.36
C PHE A 117 5.44 -8.01 -4.06
N GLU A 118 5.56 -8.90 -3.08
CA GLU A 118 4.94 -8.71 -1.78
C GLU A 118 5.58 -7.55 -1.01
N ASN A 119 6.90 -7.53 -0.99
CA ASN A 119 7.67 -6.53 -0.26
C ASN A 119 7.47 -5.11 -0.74
N VAL A 120 6.82 -4.95 -1.90
CA VAL A 120 6.42 -3.63 -2.41
C VAL A 120 5.48 -3.00 -1.38
N ARG A 121 4.36 -3.67 -1.13
CA ARG A 121 3.40 -3.26 -0.12
C ARG A 121 3.97 -3.43 1.29
N ALA A 122 4.77 -4.47 1.49
CA ALA A 122 5.28 -4.85 2.82
C ALA A 122 6.37 -3.91 3.35
N LYS A 123 7.38 -3.64 2.52
CA LYS A 123 8.55 -2.90 2.96
C LYS A 123 8.72 -1.54 2.28
N TRP A 124 8.66 -1.53 0.95
CA TRP A 124 9.08 -0.38 0.16
C TRP A 124 8.10 0.77 0.14
N TYR A 125 6.80 0.47 0.06
CA TYR A 125 5.76 1.50 0.11
C TYR A 125 5.68 2.19 1.48
N PRO A 126 5.88 1.43 2.58
CA PRO A 126 6.03 2.10 3.87
C PRO A 126 7.26 3.01 3.94
N GLU A 127 8.46 2.43 3.74
CA GLU A 127 9.73 3.17 3.84
C GLU A 127 9.79 4.42 2.97
N VAL A 128 9.11 4.38 1.83
CA VAL A 128 9.10 5.50 0.91
C VAL A 128 8.16 6.60 1.39
N ARG A 129 6.89 6.26 1.58
CA ARG A 129 5.87 7.23 2.00
C ARG A 129 6.13 7.79 3.39
N HIS A 130 6.97 7.07 4.14
CA HIS A 130 7.44 7.48 5.47
C HIS A 130 8.20 8.78 5.38
N HIS A 131 9.22 8.81 4.51
CA HIS A 131 10.05 10.00 4.37
C HIS A 131 9.51 10.96 3.33
N CYS A 132 8.85 10.41 2.31
CA CYS A 132 8.28 11.23 1.24
C CYS A 132 6.83 10.83 0.97
N PRO A 133 5.88 11.60 1.51
CA PRO A 133 4.45 11.30 1.39
C PRO A 133 3.78 11.95 0.17
N ASN A 134 4.54 12.64 -0.66
CA ASN A 134 3.99 13.29 -1.84
C ASN A 134 4.64 12.86 -3.15
N THR A 135 5.91 12.48 -3.09
CA THR A 135 6.68 12.03 -4.26
C THR A 135 5.89 10.96 -5.05
N PRO A 136 5.54 11.26 -6.32
CA PRO A 136 4.85 10.28 -7.16
C PRO A 136 5.67 9.01 -7.36
N ILE A 137 5.00 7.87 -7.34
CA ILE A 137 5.66 6.56 -7.48
C ILE A 137 5.28 5.91 -8.79
N ILE A 138 6.22 5.16 -9.36
CA ILE A 138 5.97 4.33 -10.52
C ILE A 138 6.36 2.88 -10.17
N LEU A 139 5.39 1.98 -10.30
CA LEU A 139 5.65 0.56 -10.07
C LEU A 139 6.20 -0.04 -11.34
N VAL A 140 7.19 -0.92 -11.20
CA VAL A 140 7.90 -1.50 -12.33
C VAL A 140 8.15 -3.00 -12.16
N GLY A 141 7.65 -3.77 -13.12
CA GLY A 141 7.91 -5.20 -13.19
C GLY A 141 9.09 -5.48 -14.09
N THR A 142 10.22 -5.85 -13.49
CA THR A 142 11.42 -6.18 -14.24
C THR A 142 11.38 -7.64 -14.71
N LYS A 143 12.41 -8.06 -15.45
CA LYS A 143 12.51 -9.43 -15.96
C LYS A 143 11.24 -9.86 -16.69
N LEU A 144 10.79 -9.03 -17.64
CA LEU A 144 9.57 -9.30 -18.40
C LEU A 144 9.73 -10.46 -19.37
N ASP A 145 10.96 -10.63 -19.89
CA ASP A 145 11.29 -11.70 -20.82
C ASP A 145 11.14 -13.10 -20.23
N LEU A 146 11.36 -13.21 -18.93
CA LEU A 146 11.35 -14.51 -18.24
C LEU A 146 9.96 -14.92 -17.79
N ARG A 147 8.98 -14.03 -17.91
CA ARG A 147 7.61 -14.32 -17.50
C ARG A 147 6.98 -15.39 -18.39
N ASP A 148 7.33 -15.35 -19.68
CA ASP A 148 6.82 -16.30 -20.66
C ASP A 148 7.75 -17.50 -20.85
N ASP A 149 8.96 -17.39 -20.30
CA ASP A 149 9.96 -18.44 -20.42
C ASP A 149 9.55 -19.71 -19.68
N LYS A 150 9.48 -20.81 -20.44
CA LYS A 150 9.08 -22.12 -19.92
C LYS A 150 10.11 -22.67 -18.94
N ASP A 151 11.37 -22.30 -19.15
CA ASP A 151 12.49 -22.64 -18.26
C ASP A 151 12.23 -22.14 -16.84
N THR A 152 11.73 -20.91 -16.73
CA THR A 152 11.44 -20.30 -15.44
C THR A 152 10.09 -20.76 -14.89
N ILE A 153 9.10 -20.89 -15.78
CA ILE A 153 7.75 -21.30 -15.41
C ILE A 153 7.73 -22.66 -14.70
N GLU A 154 8.52 -23.60 -15.22
CA GLU A 154 8.59 -24.95 -14.66
C GLU A 154 9.64 -25.06 -13.55
N LYS A 155 10.35 -23.97 -13.31
CA LYS A 155 11.21 -23.83 -12.12
C LYS A 155 10.35 -23.35 -10.94
N LEU A 156 9.51 -22.36 -11.19
CA LEU A 156 8.63 -21.77 -10.18
C LEU A 156 7.46 -22.69 -9.85
N LYS A 157 7.15 -23.58 -10.78
CA LYS A 157 6.08 -24.57 -10.60
C LYS A 157 6.40 -25.49 -9.42
N GLU A 158 7.69 -25.81 -9.26
CA GLU A 158 8.18 -26.63 -8.15
C GLU A 158 8.03 -25.93 -6.79
N LYS A 159 7.88 -24.61 -6.82
CA LYS A 159 7.61 -23.82 -5.64
C LYS A 159 6.11 -23.50 -5.51
N LYS A 160 5.29 -24.24 -6.26
CA LYS A 160 3.84 -24.00 -6.35
C LYS A 160 3.52 -22.50 -6.46
N LEU A 161 4.24 -21.83 -7.35
CA LEU A 161 4.04 -20.40 -7.60
C LEU A 161 4.12 -20.05 -9.07
N THR A 162 3.22 -19.17 -9.49
CA THR A 162 3.18 -18.65 -10.85
C THR A 162 3.85 -17.28 -10.92
N PRO A 163 4.29 -16.86 -12.13
CA PRO A 163 4.74 -15.48 -12.31
C PRO A 163 3.58 -14.49 -12.13
N ILE A 164 3.94 -13.25 -11.81
CA ILE A 164 2.96 -12.19 -11.62
C ILE A 164 2.39 -11.78 -12.98
N THR A 165 1.09 -11.95 -13.15
CA THR A 165 0.42 -11.53 -14.38
C THR A 165 0.30 -10.00 -14.41
N TYR A 166 0.05 -9.45 -15.60
CA TYR A 166 -0.15 -8.00 -15.73
C TYR A 166 -1.24 -7.47 -14.80
N PRO A 167 -2.46 -8.08 -14.81
CA PRO A 167 -3.56 -7.64 -13.92
C PRO A 167 -3.21 -7.60 -12.43
N GLN A 168 -2.23 -8.39 -12.00
CA GLN A 168 -1.83 -8.44 -10.60
C GLN A 168 -1.00 -7.23 -10.19
N GLY A 169 -0.06 -6.84 -11.04
CA GLY A 169 0.71 -5.61 -10.85
C GLY A 169 -0.22 -4.42 -10.95
N LEU A 170 -1.05 -4.42 -11.99
CA LEU A 170 -2.09 -3.42 -12.17
C LEU A 170 -2.84 -3.15 -10.87
N ALA A 171 -3.09 -4.20 -10.09
CA ALA A 171 -3.78 -4.07 -8.80
C ALA A 171 -2.86 -3.58 -7.70
N MET A 172 -1.63 -4.08 -7.70
CA MET A 172 -0.62 -3.68 -6.71
C MET A 172 -0.25 -2.21 -6.89
N ALA A 173 -0.39 -1.71 -8.12
CA ALA A 173 -0.16 -0.30 -8.43
C ALA A 173 -1.23 0.59 -7.81
N LYS A 174 -2.49 0.18 -7.97
CA LYS A 174 -3.64 0.86 -7.38
C LYS A 174 -3.52 0.91 -5.86
N GLU A 175 -3.05 -0.21 -5.29
CA GLU A 175 -2.84 -0.37 -3.85
C GLU A 175 -1.93 0.70 -3.29
N ILE A 176 -0.71 0.76 -3.81
CA ILE A 176 0.33 1.65 -3.30
C ILE A 176 0.21 3.07 -3.87
N GLY A 177 -0.85 3.32 -4.64
CA GLY A 177 -1.16 4.63 -5.17
C GLY A 177 -0.17 5.17 -6.19
N ALA A 178 0.44 4.26 -6.97
CA ALA A 178 1.37 4.63 -8.03
C ALA A 178 0.67 5.42 -9.16
N VAL A 179 1.39 6.32 -9.82
CA VAL A 179 0.80 7.07 -10.93
C VAL A 179 0.73 6.24 -12.21
N LYS A 180 1.64 5.29 -12.35
CA LYS A 180 1.68 4.40 -13.50
C LYS A 180 2.20 3.01 -13.13
N TYR A 181 1.87 2.00 -13.94
CA TYR A 181 2.47 0.67 -13.81
C TYR A 181 3.02 0.18 -15.14
N LEU A 182 4.29 -0.21 -15.14
CA LEU A 182 4.98 -0.61 -16.37
C LEU A 182 5.77 -1.91 -16.19
N GLU A 183 5.89 -2.68 -17.26
CA GLU A 183 6.70 -3.90 -17.24
C GLU A 183 7.80 -3.85 -18.29
N CYS A 184 9.00 -4.27 -17.93
CA CYS A 184 10.13 -4.20 -18.85
C CYS A 184 11.24 -5.20 -18.53
N SER A 185 11.89 -5.67 -19.60
CA SER A 185 13.10 -6.47 -19.48
C SER A 185 14.30 -5.60 -19.81
N ALA A 186 15.28 -5.57 -18.91
CA ALA A 186 16.52 -4.86 -19.13
C ALA A 186 17.43 -5.56 -20.16
N LEU A 187 17.23 -6.87 -20.34
CA LEU A 187 17.99 -7.65 -21.31
C LEU A 187 17.58 -7.31 -22.74
N THR A 188 16.31 -7.50 -23.05
CA THR A 188 15.78 -7.25 -24.39
C THR A 188 15.40 -5.78 -24.61
N GLN A 189 15.57 -4.95 -23.58
CA GLN A 189 15.25 -3.52 -23.64
C GLN A 189 13.77 -3.27 -24.00
N ARG A 190 12.93 -4.26 -23.72
CA ARG A 190 11.51 -4.22 -24.07
C ARG A 190 10.70 -3.37 -23.08
N GLY A 191 10.20 -2.23 -23.55
CA GLY A 191 9.40 -1.31 -22.73
C GLY A 191 10.24 -0.41 -21.84
N LEU A 192 11.56 -0.44 -22.08
CA LEU A 192 12.53 0.14 -21.16
C LEU A 192 12.55 1.66 -21.23
N LYS A 193 12.41 2.20 -22.44
CA LYS A 193 12.39 3.65 -22.64
C LYS A 193 11.21 4.28 -21.90
N THR A 194 10.04 3.65 -22.00
CA THR A 194 8.80 4.12 -21.39
C THR A 194 8.93 4.35 -19.89
N VAL A 195 9.61 3.42 -19.22
CA VAL A 195 9.82 3.52 -17.79
C VAL A 195 10.27 4.92 -17.43
N PHE A 196 11.25 5.42 -18.17
CA PHE A 196 11.84 6.73 -17.90
C PHE A 196 11.12 7.85 -18.62
N ASP A 197 10.37 7.51 -19.67
CA ASP A 197 9.49 8.47 -20.32
C ASP A 197 8.37 8.87 -19.36
N GLU A 198 7.79 7.88 -18.68
CA GLU A 198 6.71 8.11 -17.72
C GLU A 198 7.24 8.75 -16.44
N ALA A 199 8.43 8.33 -16.00
CA ALA A 199 9.08 8.91 -14.83
C ALA A 199 9.20 10.43 -14.98
N ILE A 200 9.71 10.87 -16.13
CA ILE A 200 9.82 12.30 -16.43
C ILE A 200 8.45 12.94 -16.56
N ARG A 201 7.53 12.27 -17.27
CA ARG A 201 6.17 12.79 -17.48
C ARG A 201 5.38 12.97 -16.18
N ALA A 202 5.76 12.21 -15.15
CA ALA A 202 5.15 12.36 -13.83
C ALA A 202 5.48 13.72 -13.22
N VAL A 203 6.74 14.14 -13.34
CA VAL A 203 7.20 15.42 -12.77
C VAL A 203 6.85 16.62 -13.66
N LEU A 204 6.54 16.36 -14.93
CA LEU A 204 6.13 17.42 -15.87
C LEU A 204 4.62 17.37 -16.12
N ILE B 31 -15.20 -16.88 8.12
CA ILE B 31 -14.60 -15.97 9.14
C ILE B 31 -15.48 -14.75 9.42
N LYS B 32 -15.56 -14.37 10.70
CA LYS B 32 -16.36 -13.23 11.14
C LYS B 32 -15.51 -12.01 11.43
N CYS B 33 -15.90 -10.88 10.83
CA CYS B 33 -15.19 -9.62 11.00
C CYS B 33 -16.17 -8.50 11.32
N VAL B 34 -15.98 -7.87 12.47
CA VAL B 34 -16.85 -6.78 12.88
C VAL B 34 -16.12 -5.45 12.73
N VAL B 35 -16.78 -4.50 12.09
CA VAL B 35 -16.22 -3.18 11.82
C VAL B 35 -16.83 -2.16 12.78
N VAL B 36 -15.98 -1.55 13.61
CA VAL B 36 -16.42 -0.68 14.69
C VAL B 36 -15.67 0.65 14.66
N GLY B 37 -16.40 1.76 14.78
CA GLY B 37 -15.79 3.09 14.84
C GLY B 37 -16.83 4.19 14.99
N ASP B 38 -16.34 5.42 15.18
CA ASP B 38 -17.20 6.61 15.31
C ASP B 38 -18.13 6.86 14.12
N GLY B 39 -19.25 7.54 14.37
CA GLY B 39 -20.18 7.91 13.31
C GLY B 39 -19.54 8.74 12.22
N ALA B 40 -19.75 8.32 10.97
CA ALA B 40 -19.29 9.02 9.75
C ALA B 40 -17.77 9.07 9.55
N VAL B 41 -17.08 7.96 9.85
CA VAL B 41 -15.64 7.85 9.60
C VAL B 41 -15.35 7.18 8.25
N GLY B 42 -16.28 6.36 7.76
CA GLY B 42 -16.12 5.68 6.47
C GLY B 42 -16.11 4.17 6.53
N LYS B 43 -16.85 3.61 7.50
CA LYS B 43 -16.92 2.16 7.69
C LYS B 43 -17.66 1.48 6.55
N THR B 44 -18.85 2.01 6.24
CA THR B 44 -19.68 1.47 5.16
C THR B 44 -18.90 1.52 3.85
N CYS B 45 -18.50 2.73 3.46
CA CYS B 45 -17.73 2.97 2.25
C CYS B 45 -16.57 1.98 2.07
N LEU B 46 -15.89 1.67 3.18
CA LEU B 46 -14.73 0.79 3.19
C LEU B 46 -15.07 -0.66 2.79
N LEU B 47 -16.33 -1.05 3.01
CA LEU B 47 -16.78 -2.40 2.70
C LEU B 47 -17.40 -2.49 1.32
N ILE B 48 -18.10 -1.42 0.92
CA ILE B 48 -18.76 -1.35 -0.39
C ILE B 48 -17.73 -1.20 -1.52
N SER B 49 -16.75 -0.32 -1.30
CA SER B 49 -15.64 -0.16 -2.24
C SER B 49 -14.78 -1.42 -2.36
N TYR B 50 -14.66 -2.17 -1.25
CA TYR B 50 -13.88 -3.40 -1.26
C TYR B 50 -14.60 -4.54 -1.98
N THR B 51 -15.92 -4.59 -1.84
CA THR B 51 -16.71 -5.67 -2.43
C THR B 51 -17.17 -5.38 -3.86
N THR B 52 -17.66 -4.17 -4.10
CA THR B 52 -18.30 -3.84 -5.37
C THR B 52 -17.46 -2.93 -6.27
N ASN B 53 -16.45 -2.29 -5.70
CA ASN B 53 -15.57 -1.35 -6.41
C ASN B 53 -16.19 0.03 -6.68
N ALA B 54 -17.32 0.32 -6.06
CA ALA B 54 -18.01 1.60 -6.25
C ALA B 54 -18.27 2.30 -4.92
N LEU B 55 -17.84 3.56 -4.83
CA LEU B 55 -18.11 4.37 -3.66
C LEU B 55 -19.49 5.03 -3.79
N PRO B 56 -20.36 4.86 -2.77
CA PRO B 56 -21.66 5.53 -2.73
C PRO B 56 -21.53 7.05 -2.78
N GLY B 57 -22.33 7.69 -3.65
CA GLY B 57 -22.28 9.14 -3.83
C GLY B 57 -22.99 9.92 -2.74
N GLU B 58 -23.86 9.25 -1.99
CA GLU B 58 -24.62 9.90 -0.92
C GLU B 58 -24.43 9.20 0.43
N TYR B 59 -24.64 9.95 1.51
CA TYR B 59 -24.44 9.46 2.87
C TYR B 59 -25.74 9.00 3.54
N ILE B 60 -25.82 7.70 3.83
CA ILE B 60 -26.95 7.12 4.57
C ILE B 60 -26.39 6.35 5.78
N PRO B 61 -26.78 6.77 7.01
CA PRO B 61 -26.27 6.14 8.23
C PRO B 61 -26.67 4.67 8.38
N THR B 62 -25.72 3.83 8.78
CA THR B 62 -25.97 2.40 8.91
C THR B 62 -26.67 2.06 10.22
N VAL B 63 -27.77 1.32 10.12
CA VAL B 63 -28.43 0.75 11.28
C VAL B 63 -27.72 -0.56 11.62
N PHE B 64 -27.60 -1.41 10.60
CA PHE B 64 -26.83 -2.65 10.62
C PHE B 64 -26.95 -3.30 9.25
N ASP B 65 -25.85 -3.90 8.80
CA ASP B 65 -25.84 -4.64 7.54
C ASP B 65 -24.98 -5.88 7.65
N ASN B 66 -24.85 -6.61 6.54
CA ASN B 66 -24.08 -7.85 6.51
C ASN B 66 -23.63 -8.20 5.10
N TYR B 67 -22.41 -7.81 4.76
CA TYR B 67 -21.85 -8.15 3.45
C TYR B 67 -20.91 -9.34 3.55
N SER B 68 -20.55 -9.90 2.40
CA SER B 68 -19.57 -10.98 2.33
C SER B 68 -18.72 -10.91 1.07
N ALA B 69 -17.57 -11.59 1.09
CA ALA B 69 -16.65 -11.61 -0.03
C ALA B 69 -15.78 -12.86 0.00
N ASN B 70 -15.65 -13.51 -1.14
CA ASN B 70 -14.81 -14.69 -1.26
C ASN B 70 -13.44 -14.31 -1.82
N VAL B 71 -12.44 -14.32 -0.94
CA VAL B 71 -11.09 -13.95 -1.33
C VAL B 71 -10.19 -15.18 -1.25
N MET B 72 -9.09 -15.15 -2.00
CA MET B 72 -8.13 -16.24 -2.03
C MET B 72 -6.75 -15.73 -1.64
N VAL B 73 -6.41 -15.91 -0.36
CA VAL B 73 -5.12 -15.46 0.19
C VAL B 73 -4.46 -16.62 0.94
N ASP B 74 -3.13 -16.58 1.05
CA ASP B 74 -2.32 -17.63 1.66
C ASP B 74 -2.44 -18.97 0.92
N GLY B 75 -2.91 -18.90 -0.33
CA GLY B 75 -3.24 -20.10 -1.09
C GLY B 75 -4.41 -20.85 -0.50
N LYS B 76 -5.28 -20.11 0.20
CA LYS B 76 -6.45 -20.69 0.86
C LYS B 76 -7.75 -20.08 0.39
N PRO B 77 -8.76 -20.93 0.13
CA PRO B 77 -10.10 -20.43 -0.12
C PRO B 77 -10.66 -19.83 1.16
N VAL B 78 -11.08 -18.57 1.09
CA VAL B 78 -11.52 -17.84 2.28
C VAL B 78 -12.87 -17.17 2.07
N ASN B 79 -13.84 -17.59 2.87
CA ASN B 79 -15.15 -16.95 2.92
C ASN B 79 -15.20 -16.01 4.12
N LEU B 80 -15.40 -14.72 3.83
CA LEU B 80 -15.33 -13.68 4.84
C LEU B 80 -16.67 -12.96 5.00
N GLY B 81 -17.18 -12.92 6.23
CA GLY B 81 -18.42 -12.23 6.54
C GLY B 81 -18.13 -10.92 7.25
N LEU B 82 -18.59 -9.82 6.67
CA LEU B 82 -18.29 -8.48 7.17
C LEU B 82 -19.52 -7.80 7.77
N TRP B 83 -19.41 -7.38 9.03
CA TRP B 83 -20.54 -6.86 9.78
C TRP B 83 -20.44 -5.38 10.04
N ASP B 84 -21.03 -4.60 9.15
CA ASP B 84 -21.14 -3.14 9.33
C ASP B 84 -22.04 -2.83 10.52
N THR B 85 -21.61 -1.91 11.36
CA THR B 85 -22.37 -1.55 12.55
C THR B 85 -22.79 -0.07 12.53
N ALA B 86 -23.30 0.41 13.67
CA ALA B 86 -23.71 1.81 13.82
C ALA B 86 -22.68 2.62 14.60
N GLY B 87 -22.64 3.92 14.34
CA GLY B 87 -21.65 4.81 14.94
C GLY B 87 -22.15 5.62 16.13
N GLN B 88 -23.46 5.83 16.18
CA GLN B 88 -24.07 6.69 17.20
C GLN B 88 -24.13 6.07 18.59
N GLU B 89 -24.22 6.92 19.61
CA GLU B 89 -24.45 6.48 20.99
C GLU B 89 -25.89 6.00 21.19
N ASP B 90 -26.72 6.18 20.16
CA ASP B 90 -28.09 5.69 20.16
C ASP B 90 -28.15 4.17 20.25
N TYR B 91 -27.22 3.51 19.57
CA TYR B 91 -27.24 2.06 19.43
C TYR B 91 -26.30 1.38 20.43
N ASP B 92 -25.99 2.10 21.51
CA ASP B 92 -25.02 1.66 22.50
C ASP B 92 -25.24 0.25 23.02
N ARG B 93 -26.46 -0.05 23.45
CA ARG B 93 -26.75 -1.35 24.06
C ARG B 93 -27.37 -2.37 23.09
N LEU B 94 -27.36 -2.02 21.81
CA LEU B 94 -27.79 -2.95 20.75
C LEU B 94 -26.63 -3.38 19.85
N ARG B 95 -25.54 -2.62 19.90
CA ARG B 95 -24.35 -2.93 19.13
C ARG B 95 -23.62 -4.20 19.61
N PRO B 96 -23.39 -4.34 20.94
CA PRO B 96 -22.60 -5.47 21.45
C PRO B 96 -23.17 -6.85 21.08
N LEU B 97 -24.41 -6.88 20.61
CA LEU B 97 -25.07 -8.13 20.21
C LEU B 97 -24.29 -8.86 19.12
N SER B 98 -23.58 -8.11 18.29
CA SER B 98 -22.85 -8.66 17.15
C SER B 98 -21.56 -9.38 17.56
N TYR B 99 -21.05 -9.06 18.74
CA TYR B 99 -19.68 -9.43 19.13
C TYR B 99 -19.40 -10.91 19.41
N PRO B 100 -20.38 -11.68 19.91
CA PRO B 100 -20.06 -13.08 20.16
C PRO B 100 -19.69 -13.83 18.88
N GLN B 101 -18.81 -14.83 19.03
CA GLN B 101 -18.37 -15.70 17.93
C GLN B 101 -17.53 -14.99 16.87
N THR B 102 -16.91 -13.87 17.23
CA THR B 102 -16.09 -13.09 16.28
C THR B 102 -14.66 -13.59 16.22
N ASP B 103 -14.04 -13.49 15.05
CA ASP B 103 -12.66 -13.94 14.85
C ASP B 103 -11.67 -12.77 14.85
N VAL B 104 -12.12 -11.60 14.38
CA VAL B 104 -11.26 -10.40 14.28
C VAL B 104 -12.07 -9.10 14.20
N PHE B 105 -11.53 -8.04 14.79
CA PHE B 105 -12.20 -6.73 14.80
C PHE B 105 -11.41 -5.70 14.01
N LEU B 106 -12.14 -4.81 13.35
CA LEU B 106 -11.56 -3.60 12.79
C LEU B 106 -12.05 -2.41 13.61
N ILE B 107 -11.12 -1.62 14.13
CA ILE B 107 -11.48 -0.34 14.72
C ILE B 107 -11.06 0.78 13.77
N CYS B 108 -12.04 1.58 13.36
CA CYS B 108 -11.83 2.61 12.36
C CYS B 108 -11.98 4.02 12.91
N PHE B 109 -11.26 4.94 12.31
CA PHE B 109 -11.35 6.37 12.60
C PHE B 109 -10.85 7.15 11.39
N SER B 110 -11.44 8.33 11.17
CA SER B 110 -10.97 9.24 10.12
C SER B 110 -9.60 9.78 10.51
N LEU B 111 -8.67 9.76 9.56
CA LEU B 111 -7.34 10.36 9.76
C LEU B 111 -7.43 11.88 9.75
N VAL B 112 -8.61 12.37 9.37
CA VAL B 112 -8.93 13.78 9.35
C VAL B 112 -9.66 14.18 10.65
N SER B 113 -10.49 13.28 11.17
CA SER B 113 -11.21 13.51 12.43
C SER B 113 -10.44 13.01 13.66
N PRO B 114 -9.85 13.94 14.45
CA PRO B 114 -9.05 13.58 15.62
C PRO B 114 -9.89 13.11 16.82
N ALA B 115 -11.16 13.52 16.85
CA ALA B 115 -12.10 13.07 17.87
C ALA B 115 -12.27 11.55 17.79
N SER B 116 -12.47 11.06 16.56
CA SER B 116 -12.63 9.63 16.29
C SER B 116 -11.36 8.86 16.62
N PHE B 117 -10.22 9.53 16.49
CA PHE B 117 -8.94 8.99 16.88
C PHE B 117 -8.90 8.80 18.39
N GLU B 118 -9.43 9.77 19.12
CA GLU B 118 -9.48 9.73 20.57
C GLU B 118 -10.41 8.63 21.08
N ASN B 119 -11.61 8.59 20.50
CA ASN B 119 -12.64 7.64 20.91
C ASN B 119 -12.26 6.18 20.73
N VAL B 120 -11.17 5.93 20.01
CA VAL B 120 -10.61 4.58 19.88
C VAL B 120 -10.25 4.07 21.26
N ARG B 121 -9.36 4.81 21.93
CA ARG B 121 -8.96 4.53 23.29
C ARG B 121 -10.10 4.82 24.27
N ALA B 122 -10.89 5.86 23.97
CA ALA B 122 -11.93 6.34 24.89
C ALA B 122 -13.16 5.44 24.96
N LYS B 123 -13.69 5.06 23.79
CA LYS B 123 -14.96 4.34 23.73
C LYS B 123 -14.84 2.92 23.18
N TRP B 124 -14.17 2.78 22.03
CA TRP B 124 -14.20 1.53 21.26
C TRP B 124 -13.36 0.42 21.81
N TYR B 125 -12.15 0.74 22.27
CA TYR B 125 -11.26 -0.25 22.90
C TYR B 125 -11.83 -0.80 24.22
N PRO B 126 -12.50 0.06 25.03
CA PRO B 126 -13.23 -0.47 26.19
C PRO B 126 -14.38 -1.40 25.77
N GLU B 127 -15.35 -0.89 25.00
CA GLU B 127 -16.54 -1.64 24.58
C GLU B 127 -16.22 -2.99 23.92
N VAL B 128 -15.11 -3.04 23.20
CA VAL B 128 -14.70 -4.25 22.52
C VAL B 128 -14.11 -5.27 23.48
N ARG B 129 -13.06 -4.87 24.20
CA ARG B 129 -12.36 -5.76 25.13
C ARG B 129 -13.24 -6.18 26.31
N HIS B 130 -14.31 -5.43 26.51
CA HIS B 130 -15.33 -5.71 27.51
C HIS B 130 -15.99 -7.02 27.22
N HIS B 131 -16.51 -7.17 26.01
CA HIS B 131 -17.21 -8.39 25.60
C HIS B 131 -16.28 -9.43 25.03
N CYS B 132 -15.23 -8.99 24.36
CA CYS B 132 -14.26 -9.89 23.76
C CYS B 132 -12.83 -9.48 24.13
N PRO B 133 -12.24 -10.18 25.12
CA PRO B 133 -10.92 -9.84 25.63
C PRO B 133 -9.76 -10.57 24.92
N ASN B 134 -10.08 -11.37 23.91
CA ASN B 134 -9.07 -12.13 23.19
C ASN B 134 -9.04 -11.87 21.68
N THR B 135 -10.19 -11.51 21.12
CA THR B 135 -10.33 -11.18 19.70
C THR B 135 -9.27 -10.18 19.23
N PRO B 136 -8.40 -10.60 18.30
CA PRO B 136 -7.37 -9.69 17.77
C PRO B 136 -7.99 -8.48 17.10
N ILE B 137 -7.37 -7.32 17.29
CA ILE B 137 -7.88 -6.06 16.75
C ILE B 137 -6.91 -5.53 15.69
N ILE B 138 -7.49 -4.86 14.69
CA ILE B 138 -6.72 -4.15 13.69
C ILE B 138 -7.19 -2.68 13.68
N LEU B 139 -6.26 -1.78 13.91
CA LEU B 139 -6.55 -0.35 13.86
C LEU B 139 -6.46 0.12 12.41
N VAL B 140 -7.39 0.97 12.01
CA VAL B 140 -7.50 1.41 10.62
C VAL B 140 -7.75 2.91 10.50
N GLY B 141 -6.85 3.60 9.79
CA GLY B 141 -7.04 5.01 9.48
C GLY B 141 -7.67 5.16 8.12
N THR B 142 -8.94 5.56 8.10
CA THR B 142 -9.67 5.79 6.86
C THR B 142 -9.38 7.20 6.32
N LYS B 143 -9.96 7.51 5.15
CA LYS B 143 -9.79 8.82 4.51
C LYS B 143 -8.30 9.20 4.40
N LEU B 144 -7.50 8.29 3.85
CA LEU B 144 -6.07 8.50 3.70
C LEU B 144 -5.75 9.56 2.65
N ASP B 145 -6.61 9.65 1.62
CA ASP B 145 -6.44 10.61 0.53
C ASP B 145 -6.55 12.07 0.98
N LEU B 146 -7.33 12.31 2.04
CA LEU B 146 -7.60 13.66 2.50
C LEU B 146 -6.56 14.16 3.49
N ARG B 147 -5.66 13.29 3.93
CA ARG B 147 -4.61 13.66 4.88
C ARG B 147 -3.61 14.64 4.26
N ASP B 148 -3.35 14.47 2.97
CA ASP B 148 -2.43 15.33 2.23
C ASP B 148 -3.14 16.47 1.53
N ASP B 149 -4.48 16.39 1.48
CA ASP B 149 -5.29 17.39 0.80
C ASP B 149 -5.23 18.74 1.51
N LYS B 150 -4.81 19.77 0.75
CA LYS B 150 -4.66 21.13 1.26
C LYS B 150 -6.00 21.76 1.61
N ASP B 151 -7.04 21.33 0.89
CA ASP B 151 -8.43 21.73 1.14
C ASP B 151 -8.85 21.39 2.58
N THR B 152 -8.49 20.19 3.02
CA THR B 152 -8.83 19.71 4.36
C THR B 152 -7.86 20.27 5.41
N ILE B 153 -6.58 20.34 5.05
CA ILE B 153 -5.52 20.81 5.95
C ILE B 153 -5.80 22.24 6.45
N GLU B 154 -6.24 23.09 5.54
CA GLU B 154 -6.53 24.49 5.86
C GLU B 154 -7.97 24.68 6.35
N LYS B 155 -8.74 23.60 6.36
CA LYS B 155 -10.03 23.57 7.05
C LYS B 155 -9.83 23.22 8.53
N LEU B 156 -8.98 22.23 8.78
CA LEU B 156 -8.66 21.78 10.14
C LEU B 156 -7.75 22.75 10.86
N LYS B 157 -7.02 23.56 10.09
CA LYS B 157 -6.13 24.59 10.63
C LYS B 157 -6.94 25.61 11.44
N GLU B 158 -8.15 25.91 10.97
CA GLU B 158 -9.08 26.83 11.64
C GLU B 158 -9.57 26.27 12.98
N LYS B 159 -9.43 24.96 13.15
CA LYS B 159 -9.75 24.30 14.41
C LYS B 159 -8.49 24.03 15.24
N LYS B 160 -7.40 24.71 14.87
CA LYS B 160 -6.08 24.51 15.46
C LYS B 160 -5.77 23.03 15.67
N LEU B 161 -6.02 22.24 14.62
CA LEU B 161 -5.76 20.80 14.64
C LEU B 161 -5.17 20.30 13.33
N THR B 162 -4.21 19.39 13.46
CA THR B 162 -3.56 18.74 12.33
C THR B 162 -4.14 17.35 12.11
N PRO B 163 -4.03 16.81 10.87
CA PRO B 163 -4.36 15.41 10.65
C PRO B 163 -3.44 14.47 11.42
N ILE B 164 -3.93 13.26 11.67
CA ILE B 164 -3.17 12.25 12.39
C ILE B 164 -2.06 11.72 11.49
N THR B 165 -0.81 11.91 11.91
CA THR B 165 0.33 11.38 11.16
C THR B 165 0.43 9.86 11.35
N TYR B 166 1.17 9.20 10.47
CA TYR B 166 1.37 7.76 10.58
C TYR B 166 1.92 7.35 11.96
N PRO B 167 3.02 7.98 12.43
CA PRO B 167 3.58 7.67 13.75
C PRO B 167 2.59 7.77 14.93
N GLN B 168 1.55 8.57 14.78
CA GLN B 168 0.56 8.75 15.84
C GLN B 168 -0.38 7.56 15.94
N GLY B 169 -0.85 7.07 14.80
CA GLY B 169 -1.65 5.85 14.75
C GLY B 169 -0.82 4.67 15.22
N LEU B 170 0.39 4.59 14.68
CA LEU B 170 1.39 3.60 15.08
C LEU B 170 1.45 3.48 16.60
N ALA B 171 1.33 4.60 17.30
CA ALA B 171 1.38 4.63 18.76
C ALA B 171 0.05 4.21 19.37
N MET B 172 -1.04 4.70 18.77
CA MET B 172 -2.39 4.36 19.22
C MET B 172 -2.66 2.86 19.05
N ALA B 173 -1.99 2.25 18.08
CA ALA B 173 -2.08 0.81 17.83
C ALA B 173 -1.43 0.02 18.96
N LYS B 174 -0.24 0.45 19.35
CA LYS B 174 0.51 -0.14 20.47
C LYS B 174 -0.30 -0.03 21.76
N GLU B 175 -0.95 1.12 21.93
CA GLU B 175 -1.77 1.43 23.09
C GLU B 175 -2.87 0.40 23.30
N ILE B 176 -3.72 0.24 22.29
CA ILE B 176 -4.90 -0.62 22.36
C ILE B 176 -4.56 -2.09 22.05
N GLY B 177 -3.27 -2.37 21.89
CA GLY B 177 -2.79 -3.74 21.67
C GLY B 177 -3.22 -4.40 20.38
N ALA B 178 -3.39 -3.60 19.33
CA ALA B 178 -3.76 -4.10 18.00
C ALA B 178 -2.64 -4.95 17.40
N VAL B 179 -3.00 -5.93 16.57
CA VAL B 179 -1.99 -6.79 15.94
C VAL B 179 -1.32 -6.09 14.74
N LYS B 180 -2.05 -5.17 14.11
CA LYS B 180 -1.53 -4.40 12.99
C LYS B 180 -2.15 -3.00 12.94
N TYR B 181 -1.46 -2.08 12.26
CA TYR B 181 -2.03 -0.75 11.98
C TYR B 181 -1.91 -0.40 10.50
N LEU B 182 -3.04 -0.06 9.88
CA LEU B 182 -3.08 0.20 8.45
C LEU B 182 -3.84 1.49 8.12
N GLU B 183 -3.44 2.15 7.03
CA GLU B 183 -4.13 3.34 6.56
C GLU B 183 -4.64 3.16 5.13
N CYS B 184 -5.87 3.60 4.87
CA CYS B 184 -6.47 3.41 3.56
C CYS B 184 -7.58 4.41 3.23
N SER B 185 -7.67 4.75 1.95
CA SER B 185 -8.78 5.53 1.43
C SER B 185 -9.72 4.59 0.68
N ALA B 186 -11.00 4.63 1.05
CA ALA B 186 -12.03 3.85 0.36
C ALA B 186 -12.36 4.43 -1.03
N LEU B 187 -12.06 5.71 -1.24
CA LEU B 187 -12.29 6.37 -2.52
C LEU B 187 -11.29 5.88 -3.57
N THR B 188 -10.00 6.08 -3.30
CA THR B 188 -8.93 5.70 -4.21
C THR B 188 -8.52 4.23 -4.09
N GLN B 189 -9.17 3.51 -3.17
CA GLN B 189 -8.89 2.09 -2.92
C GLN B 189 -7.43 1.84 -2.53
N ARG B 190 -6.77 2.88 -2.03
CA ARG B 190 -5.34 2.86 -1.69
C ARG B 190 -5.08 2.13 -0.35
N GLY B 191 -4.46 0.96 -0.43
CA GLY B 191 -4.14 0.15 0.75
C GLY B 191 -5.31 -0.68 1.26
N LEU B 192 -6.37 -0.70 0.47
CA LEU B 192 -7.66 -1.24 0.88
C LEU B 192 -7.67 -2.75 0.94
N LYS B 193 -7.02 -3.39 -0.02
CA LYS B 193 -6.95 -4.85 -0.02
C LYS B 193 -6.24 -5.38 1.23
N THR B 194 -5.13 -4.73 1.60
CA THR B 194 -4.32 -5.13 2.75
C THR B 194 -5.11 -5.20 4.05
N VAL B 195 -6.00 -4.24 4.24
CA VAL B 195 -6.83 -4.18 5.43
C VAL B 195 -7.43 -5.56 5.70
N PHE B 196 -7.98 -6.15 4.65
CA PHE B 196 -8.67 -7.42 4.77
C PHE B 196 -7.72 -8.60 4.58
N ASP B 197 -6.58 -8.34 3.94
CA ASP B 197 -5.52 -9.36 3.84
C ASP B 197 -4.97 -9.62 5.23
N GLU B 198 -4.74 -8.55 5.99
CA GLU B 198 -4.22 -8.65 7.35
C GLU B 198 -5.28 -9.18 8.31
N ALA B 199 -6.53 -8.75 8.11
CA ALA B 199 -7.64 -9.22 8.92
C ALA B 199 -7.72 -10.76 8.89
N ILE B 200 -7.67 -11.32 7.69
CA ILE B 200 -7.66 -12.76 7.51
C ILE B 200 -6.38 -13.37 8.09
N ARG B 201 -5.23 -12.75 7.82
CA ARG B 201 -3.95 -13.25 8.30
C ARG B 201 -3.83 -13.29 9.81
N ALA B 202 -4.62 -12.45 10.48
CA ALA B 202 -4.68 -12.44 11.94
C ALA B 202 -5.27 -13.74 12.47
N VAL B 203 -6.34 -14.21 11.84
CA VAL B 203 -7.04 -15.43 12.26
C VAL B 203 -6.35 -16.71 11.76
N LEU B 204 -5.50 -16.58 10.74
CA LEU B 204 -4.73 -17.70 10.21
C LEU B 204 -3.27 -17.63 10.67
#